data_8QGH
#
_entry.id   8QGH
#
_cell.length_a   63.430
_cell.length_b   73.850
_cell.length_c   118.671
_cell.angle_alpha   90.000
_cell.angle_beta   90.000
_cell.angle_gamma   90.000
#
_symmetry.space_group_name_H-M   'I 2 2 2'
#
loop_
_entity.id
_entity.type
_entity.pdbx_description
1 polymer 'NAD kinase 1'
2 non-polymer 'CITRIC ACID'
3 non-polymer ~{N}-[3-[[(2~{R},3~{S},4~{R},5~{R})-5-(6-aminopurin-9-yl)-3,4-bis(oxidanyl)oxolan-2-yl]methyl-[3-[6-azanyl-9-[(2~{R},3~{R},4~{S},5~{R})-5-(hydroxymethyl)-3,4-bis(oxidanyl)oxolan-2-yl]purin-8-yl]prop-2-ynyl]amino]propyl]-3-[(azanylidene-$l^{4}-azanylidene)amino]propanamide
4 water water
#
_entity_poly.entity_id   1
_entity_poly.type   'polypeptide(L)'
_entity_poly.pdbx_seq_one_letter_code
;MKYMITSKGDEKSDLLRLNMIAGFGEYDMEYDDVEPEIVISIGGDGTFLSAFHQYEERLDEIAFIGIHTGHLGFYADWRP
AEADKLVKLLAKGEYQKVSYPLLKTTVKYGIGKKEATYLALNESTVKSSGGPFVVDVVINDIHFERFRGDGLCMSTPSGT
TAYNKSLGGALMHPSIEAMQLTEMASINNRVYRTIGSPLVFPKHHVVSLQPVNDKDFQISVDHLSILHRDVQEIRYEVSA
KKIHFARFRSFPFWRRVHDSFIEDLEHHHHHH
;
_entity_poly.pdbx_strand_id   A
#
loop_
_chem_comp.id
_chem_comp.type
_chem_comp.name
_chem_comp.formula
CIT non-polymer 'CITRIC ACID' 'C6 H8 O7'
ULU non-polymer ~{N}-[3-[[(2~{R},3~{S},4~{R},5~{R})-5-(6-aminopurin-9-yl)-3,4-bis(oxidanyl)oxolan-2-yl]methyl-[3-[6-azanyl-9-[(2~{R},3~{R},4~{S},5~{R})-5-(hydroxymethyl)-3,4-bis(oxidanyl)oxolan-2-yl]purin-8-yl]prop-2-ynyl]amino]propyl]-3-[(azanylidene-$l^{4}-azanylidene)amino]propanamide 'C29 H38 N15 O8'
#
# COMPACT_ATOMS: atom_id res chain seq x y z
N MET A 1 25.69 -1.03 7.94
CA MET A 1 25.05 -0.80 6.65
C MET A 1 24.42 0.58 6.61
N LYS A 2 24.21 1.11 5.41
CA LYS A 2 23.53 2.40 5.26
C LYS A 2 22.08 2.27 5.68
N TYR A 3 21.62 3.22 6.50
CA TYR A 3 20.26 3.22 7.01
C TYR A 3 19.77 4.65 7.11
N MET A 4 18.45 4.79 7.22
CA MET A 4 17.85 6.07 7.54
C MET A 4 16.60 5.80 8.37
N ILE A 5 16.11 6.84 9.05
CA ILE A 5 14.97 6.72 9.94
C ILE A 5 14.01 7.87 9.64
N THR A 6 12.78 7.54 9.29
CA THR A 6 11.72 8.52 9.15
C THR A 6 10.96 8.64 10.46
N SER A 7 10.43 9.83 10.71
CA SER A 7 9.71 10.10 11.95
C SER A 7 8.34 10.68 11.66
N LYS A 8 7.36 10.25 12.46
CA LYS A 8 6.02 10.84 12.39
C LYS A 8 6.05 12.35 12.61
N GLY A 9 6.98 12.83 13.43
CA GLY A 9 7.19 14.25 13.62
C GLY A 9 6.84 14.79 14.99
N ASP A 10 6.18 14.00 15.83
CA ASP A 10 5.88 14.46 17.18
C ASP A 10 7.09 14.25 18.08
N GLU A 11 6.99 14.76 19.31
CA GLU A 11 8.11 14.70 20.24
C GLU A 11 8.55 13.26 20.50
N LYS A 12 7.59 12.35 20.66
CA LYS A 12 7.92 10.97 21.00
C LYS A 12 8.71 10.29 19.89
N SER A 13 8.29 10.47 18.64
CA SER A 13 8.95 9.78 17.53
C SER A 13 10.30 10.39 17.22
N ASP A 14 10.38 11.73 17.18
CA ASP A 14 11.67 12.39 16.97
C ASP A 14 12.69 11.97 18.02
N LEU A 15 12.23 11.77 19.26
CA LEU A 15 13.14 11.43 20.35
C LEU A 15 13.65 10.00 20.20
N LEU A 16 12.77 9.06 19.86
CA LEU A 16 13.21 7.69 19.64
C LEU A 16 14.16 7.60 18.46
N ARG A 17 13.89 8.37 17.40
CA ARG A 17 14.78 8.40 16.24
C ARG A 17 16.19 8.86 16.63
N LEU A 18 16.28 9.92 17.44
CA LEU A 18 17.60 10.41 17.83
C LEU A 18 18.33 9.39 18.71
N ASN A 19 17.59 8.69 19.57
CA ASN A 19 18.22 7.68 20.42
C ASN A 19 18.67 6.47 19.60
N MET A 20 17.89 6.08 18.60
CA MET A 20 18.31 4.98 17.74
C MET A 20 19.53 5.37 16.90
N ILE A 21 19.56 6.61 16.41
CA ILE A 21 20.71 7.10 15.67
C ILE A 21 21.96 7.04 16.53
N ALA A 22 21.84 7.47 17.80
CA ALA A 22 22.95 7.34 18.72
C ALA A 22 23.35 5.89 18.94
N GLY A 23 22.37 4.99 19.01
CA GLY A 23 22.67 3.58 19.15
C GLY A 23 23.37 3.01 17.94
N PHE A 24 22.93 3.40 16.74
CA PHE A 24 23.58 2.91 15.52
C PHE A 24 25.00 3.44 15.39
N GLY A 25 25.29 4.60 15.98
CA GLY A 25 26.63 5.16 15.95
C GLY A 25 27.67 4.29 16.63
N GLU A 26 27.25 3.28 17.39
CA GLU A 26 28.16 2.38 18.08
C GLU A 26 28.47 1.13 17.27
N TYR A 27 28.05 1.06 16.02
CA TYR A 27 28.30 -0.08 15.14
C TYR A 27 28.77 0.44 13.78
N ASP A 28 29.05 -0.51 12.88
CA ASP A 28 29.42 -0.17 11.50
C ASP A 28 28.16 0.15 10.68
N MET A 29 27.43 1.15 11.16
CA MET A 29 26.18 1.59 10.55
C MET A 29 26.30 3.07 10.20
N GLU A 30 26.01 3.41 8.95
CA GLU A 30 26.14 4.76 8.45
C GLU A 30 24.75 5.31 8.12
N TYR A 31 24.47 6.52 8.56
CA TYR A 31 23.20 7.17 8.24
C TYR A 31 23.27 7.73 6.82
N ASP A 32 22.37 7.28 5.96
CA ASP A 32 22.33 7.73 4.57
C ASP A 32 20.88 7.66 4.12
N ASP A 33 20.25 8.82 3.91
CA ASP A 33 18.88 8.88 3.42
C ASP A 33 18.80 8.99 1.91
N VAL A 34 19.93 8.92 1.21
CA VAL A 34 19.94 8.91 -0.25
C VAL A 34 19.92 7.48 -0.78
N GLU A 35 20.86 6.66 -0.33
CA GLU A 35 20.92 5.24 -0.70
C GLU A 35 20.93 4.37 0.56
N PRO A 36 19.86 4.37 1.34
CA PRO A 36 19.80 3.46 2.49
C PRO A 36 19.48 2.04 2.05
N GLU A 37 20.04 1.08 2.78
CA GLU A 37 19.65 -0.31 2.63
C GLU A 37 18.60 -0.72 3.66
N ILE A 38 18.46 0.04 4.73
CA ILE A 38 17.47 -0.19 5.77
C ILE A 38 16.72 1.11 6.00
N VAL A 39 15.38 1.05 5.99
CA VAL A 39 14.53 2.21 6.23
C VAL A 39 13.65 1.89 7.43
N ILE A 40 13.82 2.66 8.51
CA ILE A 40 13.06 2.50 9.74
C ILE A 40 12.04 3.62 9.82
N SER A 41 10.77 3.25 9.99
CA SER A 41 9.67 4.20 10.09
C SER A 41 9.16 4.22 11.53
N ILE A 42 9.22 5.38 12.17
CA ILE A 42 8.79 5.55 13.55
C ILE A 42 7.52 6.39 13.55
N GLY A 43 6.39 5.74 13.83
CA GLY A 43 5.10 6.39 13.81
C GLY A 43 3.98 5.41 13.58
N GLY A 44 3.00 5.78 12.75
CA GLY A 44 1.90 4.91 12.41
C GLY A 44 2.05 4.30 11.03
N ASP A 45 0.96 3.68 10.57
CA ASP A 45 0.94 3.15 9.21
C ASP A 45 1.01 4.27 8.18
N GLY A 46 0.52 5.46 8.52
CA GLY A 46 0.66 6.59 7.64
C GLY A 46 2.11 7.00 7.47
N THR A 47 2.88 6.98 8.56
CA THR A 47 4.31 7.25 8.46
C THR A 47 5.00 6.18 7.62
N PHE A 48 4.57 4.92 7.77
CA PHE A 48 5.20 3.84 7.01
C PHE A 48 4.91 3.95 5.52
N LEU A 49 3.67 4.25 5.16
CA LEU A 49 3.33 4.47 3.75
C LEU A 49 4.14 5.62 3.17
N SER A 50 4.41 6.65 3.98
CA SER A 50 5.25 7.76 3.52
C SER A 50 6.67 7.27 3.21
N ALA A 51 7.24 6.46 4.11
CA ALA A 51 8.57 5.93 3.88
C ALA A 51 8.62 5.05 2.64
N PHE A 52 7.58 4.25 2.43
CA PHE A 52 7.53 3.38 1.25
C PHE A 52 7.61 4.19 -0.04
N HIS A 53 6.75 5.21 -0.16
CA HIS A 53 6.75 6.01 -1.38
C HIS A 53 7.98 6.90 -1.46
N GLN A 54 8.57 7.27 -0.31
CA GLN A 54 9.79 8.06 -0.35
C GLN A 54 10.92 7.30 -1.01
N TYR A 55 10.88 5.96 -0.97
CA TYR A 55 11.93 5.13 -1.54
C TYR A 55 11.36 4.08 -2.48
N GLU A 56 10.27 4.40 -3.18
CA GLU A 56 9.64 3.44 -4.09
C GLU A 56 10.48 3.14 -5.31
N GLU A 57 11.58 3.85 -5.53
CA GLU A 57 12.46 3.61 -6.66
C GLU A 57 13.60 2.66 -6.34
N ARG A 58 13.83 2.34 -5.06
CA ARG A 58 14.88 1.43 -4.63
C ARG A 58 14.32 0.32 -3.78
N LEU A 59 13.14 -0.19 -4.14
CA LEU A 59 12.45 -1.18 -3.31
C LEU A 59 13.24 -2.47 -3.21
N ASP A 60 13.88 -2.88 -4.30
CA ASP A 60 14.61 -4.14 -4.31
C ASP A 60 15.93 -4.09 -3.55
N GLU A 61 16.34 -2.90 -3.09
CA GLU A 61 17.59 -2.73 -2.37
C GLU A 61 17.37 -2.30 -0.93
N ILE A 62 16.13 -2.37 -0.43
CA ILE A 62 15.77 -1.83 0.88
C ILE A 62 14.94 -2.86 1.63
N ALA A 63 15.19 -2.98 2.93
CA ALA A 63 14.34 -3.72 3.84
C ALA A 63 13.72 -2.75 4.83
N PHE A 64 12.40 -2.75 4.93
CA PHE A 64 11.69 -1.80 5.77
C PHE A 64 11.44 -2.38 7.16
N ILE A 65 11.44 -1.49 8.15
CA ILE A 65 11.05 -1.85 9.52
C ILE A 65 10.16 -0.73 10.06
N GLY A 66 9.06 -1.10 10.69
CA GLY A 66 8.19 -0.11 11.29
C GLY A 66 8.13 -0.18 12.81
N ILE A 67 8.21 0.96 13.47
CA ILE A 67 8.04 1.07 14.91
C ILE A 67 6.82 1.94 15.18
N HIS A 68 5.90 1.46 16.01
CA HIS A 68 4.68 2.20 16.30
C HIS A 68 4.81 2.86 17.66
N THR A 69 4.88 4.20 17.64
CA THR A 69 4.94 4.96 18.89
C THR A 69 3.57 5.08 19.55
N GLY A 70 2.50 4.85 18.81
CA GLY A 70 1.18 4.78 19.40
C GLY A 70 0.69 3.35 19.50
N HIS A 71 -0.45 3.07 18.89
CA HIS A 71 -1.02 1.73 18.87
C HIS A 71 -0.29 0.86 17.85
N LEU A 72 -0.56 -0.44 17.92
CA LEU A 72 0.03 -1.37 16.96
C LEU A 72 -0.44 -1.07 15.55
N GLY A 73 0.50 -1.10 14.61
CA GLY A 73 0.20 -0.96 13.20
C GLY A 73 0.41 -2.28 12.47
N PHE A 74 -0.14 -2.34 11.26
CA PHE A 74 0.05 -3.53 10.44
C PHE A 74 1.42 -3.56 9.79
N TYR A 75 1.99 -2.39 9.52
CA TYR A 75 3.35 -2.29 9.01
C TYR A 75 4.35 -1.94 10.10
N ALA A 76 3.94 -1.13 11.08
CA ALA A 76 4.78 -0.81 12.24
C ALA A 76 4.52 -1.87 13.30
N ASP A 77 5.31 -2.95 13.25
CA ASP A 77 5.13 -4.05 14.19
C ASP A 77 6.34 -4.19 15.12
N TRP A 78 6.78 -3.08 15.71
CA TRP A 78 7.76 -3.08 16.78
C TRP A 78 7.33 -2.08 17.83
N ARG A 79 7.50 -2.45 19.10
CA ARG A 79 7.18 -1.53 20.18
C ARG A 79 8.40 -0.66 20.50
N PRO A 80 8.18 0.59 20.91
CA PRO A 80 9.31 1.50 21.15
C PRO A 80 10.26 1.01 22.23
N ALA A 81 9.79 0.25 23.21
CA ALA A 81 10.66 -0.24 24.26
C ALA A 81 11.67 -1.27 23.74
N GLU A 82 11.43 -1.84 22.57
CA GLU A 82 12.34 -2.80 21.96
C GLU A 82 13.28 -2.15 20.94
N ALA A 83 13.40 -0.81 20.98
CA ALA A 83 14.22 -0.12 19.99
C ALA A 83 15.69 -0.46 20.14
N ASP A 84 16.17 -0.56 21.38
CA ASP A 84 17.56 -0.93 21.61
C ASP A 84 17.85 -2.33 21.07
N LYS A 85 16.99 -3.29 21.41
CA LYS A 85 17.14 -4.64 20.88
C LYS A 85 17.05 -4.64 19.36
N LEU A 86 16.26 -3.74 18.79
CA LEU A 86 16.20 -3.63 17.33
C LEU A 86 17.54 -3.14 16.78
N VAL A 87 18.09 -2.06 17.34
CA VAL A 87 19.39 -1.57 16.91
C VAL A 87 20.44 -2.67 17.01
N LYS A 88 20.41 -3.42 18.11
CA LYS A 88 21.41 -4.46 18.33
C LYS A 88 21.29 -5.57 17.30
N LEU A 89 20.09 -6.15 17.15
CA LEU A 89 19.90 -7.23 16.18
C LEU A 89 20.05 -6.72 14.75
N LEU A 90 19.63 -5.49 14.48
CA LEU A 90 19.84 -4.91 13.15
C LEU A 90 21.32 -4.67 12.88
N ALA A 91 22.10 -4.33 13.90
CA ALA A 91 23.51 -4.04 13.71
C ALA A 91 24.26 -5.27 13.21
N LYS A 92 24.14 -6.38 13.95
CA LYS A 92 24.74 -7.64 13.53
C LYS A 92 24.27 -8.01 12.12
N GLY A 93 22.97 -8.24 11.96
CA GLY A 93 22.43 -8.58 10.66
C GLY A 93 21.93 -10.01 10.62
N GLU A 94 22.16 -10.69 9.49
CA GLU A 94 21.80 -12.10 9.31
C GLU A 94 20.31 -12.35 9.50
N TYR A 95 19.49 -11.30 9.48
CA TYR A 95 18.05 -11.42 9.56
C TYR A 95 17.48 -11.91 8.24
N GLN A 96 16.26 -12.45 8.29
CA GLN A 96 15.55 -12.85 7.10
C GLN A 96 14.68 -11.71 6.60
N LYS A 97 14.44 -11.70 5.29
CA LYS A 97 13.56 -10.73 4.66
C LYS A 97 12.25 -11.40 4.28
N VAL A 98 11.17 -10.62 4.34
CA VAL A 98 9.83 -11.07 3.98
C VAL A 98 9.28 -10.10 2.95
N SER A 99 8.72 -10.63 1.87
CA SER A 99 8.26 -9.83 0.73
C SER A 99 6.74 -9.91 0.63
N TYR A 100 6.10 -8.75 0.46
CA TYR A 100 4.68 -8.63 0.21
C TYR A 100 4.43 -8.17 -1.22
N PRO A 101 3.35 -8.61 -1.84
CA PRO A 101 3.03 -8.17 -3.20
C PRO A 101 2.63 -6.70 -3.23
N LEU A 102 2.78 -6.10 -4.40
CA LEU A 102 2.41 -4.71 -4.62
C LEU A 102 1.43 -4.62 -5.78
N LEU A 103 0.86 -3.44 -5.95
CA LEU A 103 -0.13 -3.18 -7.00
C LEU A 103 0.42 -2.15 -7.97
N LYS A 104 0.46 -2.49 -9.25
CA LYS A 104 0.84 -1.55 -10.29
C LYS A 104 -0.39 -0.85 -10.83
N THR A 105 -0.36 0.48 -10.85
CA THR A 105 -1.44 1.30 -11.38
C THR A 105 -0.89 2.09 -12.56
N THR A 106 -1.48 1.89 -13.74
CA THR A 106 -1.11 2.61 -14.93
C THR A 106 -2.27 3.53 -15.33
N VAL A 107 -1.96 4.80 -15.55
CA VAL A 107 -2.95 5.81 -15.90
C VAL A 107 -2.65 6.31 -17.31
N LYS A 108 -3.57 6.06 -18.23
CA LYS A 108 -3.47 6.56 -19.59
C LYS A 108 -4.20 7.89 -19.67
N TYR A 109 -3.51 8.94 -20.12
CA TYR A 109 -4.06 10.28 -20.07
C TYR A 109 -3.57 11.08 -21.27
N GLY A 110 -4.33 12.13 -21.61
CA GLY A 110 -3.92 13.08 -22.62
C GLY A 110 -4.27 12.65 -24.03
N ILE A 111 -3.93 13.55 -24.97
CA ILE A 111 -4.15 13.26 -26.38
C ILE A 111 -3.12 12.27 -26.90
N GLY A 112 -1.89 12.31 -26.38
CA GLY A 112 -0.83 11.42 -26.79
C GLY A 112 -0.84 10.05 -26.14
N LYS A 113 -1.89 9.73 -25.38
CA LYS A 113 -2.02 8.44 -24.71
C LYS A 113 -0.81 8.12 -23.83
N LYS A 114 -0.30 9.16 -23.15
CA LYS A 114 0.80 8.95 -22.22
C LYS A 114 0.36 8.07 -21.05
N GLU A 115 1.31 7.33 -20.49
CA GLU A 115 1.02 6.37 -19.44
C GLU A 115 1.97 6.61 -18.27
N ALA A 116 1.40 6.99 -17.13
CA ALA A 116 2.13 7.10 -15.88
C ALA A 116 1.84 5.89 -15.02
N THR A 117 2.86 5.37 -14.35
CA THR A 117 2.74 4.17 -13.53
C THR A 117 3.04 4.49 -12.08
N TYR A 118 2.34 3.80 -11.18
CA TYR A 118 2.49 3.98 -9.74
C TYR A 118 2.45 2.62 -9.06
N LEU A 119 3.08 2.55 -7.90
CA LEU A 119 3.04 1.36 -7.04
C LEU A 119 2.28 1.70 -5.77
N ALA A 120 1.39 0.78 -5.36
CA ALA A 120 0.60 0.95 -4.16
C ALA A 120 0.92 -0.17 -3.18
N LEU A 121 1.10 0.18 -1.91
CA LEU A 121 1.30 -0.81 -0.86
C LEU A 121 -0.02 -1.22 -0.22
N ASN A 122 -0.96 -0.27 -0.11
CA ASN A 122 -2.29 -0.56 0.40
C ASN A 122 -3.28 -0.75 -0.74
N GLU A 123 -3.57 0.32 -1.46
CA GLU A 123 -4.58 0.26 -2.51
C GLU A 123 -4.45 1.46 -3.43
N SER A 124 -5.13 1.37 -4.56
CA SER A 124 -5.39 2.50 -5.44
C SER A 124 -6.89 2.59 -5.65
N THR A 125 -7.43 3.80 -5.61
CA THR A 125 -8.88 3.99 -5.76
C THR A 125 -9.16 4.99 -6.85
N VAL A 126 -10.29 4.78 -7.52
CA VAL A 126 -10.86 5.73 -8.47
C VAL A 126 -12.22 6.11 -7.92
N LYS A 127 -12.41 7.40 -7.69
CA LYS A 127 -13.61 7.89 -7.00
C LYS A 127 -14.15 9.10 -7.73
N SER A 128 -15.47 9.23 -7.70
CA SER A 128 -16.11 10.38 -8.31
C SER A 128 -15.82 11.64 -7.50
N SER A 129 -15.59 12.75 -8.20
CA SER A 129 -15.40 14.02 -7.53
C SER A 129 -16.64 14.40 -6.71
N GLY A 130 -17.79 14.44 -7.37
CA GLY A 130 -19.05 14.68 -6.69
C GLY A 130 -20.17 13.84 -7.27
N GLY A 131 -21.03 13.30 -6.40
CA GLY A 131 -22.08 12.42 -6.84
C GLY A 131 -21.54 11.11 -7.37
N PRO A 132 -22.38 10.36 -8.07
CA PRO A 132 -21.90 9.11 -8.69
C PRO A 132 -21.29 9.36 -10.06
N PHE A 133 -20.40 8.45 -10.45
CA PHE A 133 -19.81 8.47 -11.78
C PHE A 133 -19.97 7.09 -12.42
N VAL A 134 -19.63 7.02 -13.71
CA VAL A 134 -19.81 5.81 -14.50
C VAL A 134 -18.46 5.39 -15.05
N VAL A 135 -18.12 4.12 -14.87
CA VAL A 135 -16.88 3.56 -15.38
C VAL A 135 -17.15 2.16 -15.91
N ASP A 136 -16.63 1.86 -17.09
CA ASP A 136 -16.68 0.50 -17.63
C ASP A 136 -15.52 -0.31 -17.05
N VAL A 137 -15.82 -1.52 -16.61
CA VAL A 137 -14.83 -2.41 -16.00
C VAL A 137 -14.51 -3.51 -17.02
N VAL A 138 -13.25 -3.55 -17.45
CA VAL A 138 -12.79 -4.48 -18.47
C VAL A 138 -11.73 -5.38 -17.84
N ILE A 139 -11.94 -6.69 -17.91
CA ILE A 139 -11.05 -7.67 -17.31
C ILE A 139 -10.46 -8.52 -18.42
N ASN A 140 -9.14 -8.42 -18.62
CA ASN A 140 -8.45 -9.17 -19.67
C ASN A 140 -9.12 -8.96 -21.03
N ASP A 141 -9.42 -7.70 -21.32
CA ASP A 141 -9.96 -7.22 -22.59
C ASP A 141 -11.42 -7.60 -22.82
N ILE A 142 -12.12 -8.16 -21.84
CA ILE A 142 -13.55 -8.44 -21.98
C ILE A 142 -14.32 -7.52 -21.02
N HIS A 143 -15.40 -6.92 -21.54
CA HIS A 143 -16.20 -6.01 -20.75
CA HIS A 143 -16.19 -6.00 -20.75
C HIS A 143 -17.00 -6.79 -19.71
N PHE A 144 -16.79 -6.46 -18.44
CA PHE A 144 -17.39 -7.19 -17.34
C PHE A 144 -18.64 -6.51 -16.78
N GLU A 145 -18.58 -5.20 -16.55
CA GLU A 145 -19.71 -4.48 -15.99
C GLU A 145 -19.54 -2.99 -16.26
N ARG A 146 -20.65 -2.28 -16.24
CA ARG A 146 -20.65 -0.82 -16.24
C ARG A 146 -20.98 -0.37 -14.83
N PHE A 147 -19.98 0.13 -14.11
CA PHE A 147 -20.16 0.49 -12.72
C PHE A 147 -20.72 1.91 -12.61
N ARG A 148 -21.80 2.05 -11.85
CA ARG A 148 -22.37 3.35 -11.50
C ARG A 148 -22.42 3.44 -9.98
N GLY A 149 -21.70 4.41 -9.41
CA GLY A 149 -21.65 4.54 -7.97
C GLY A 149 -20.58 5.54 -7.55
N ASP A 150 -20.12 5.39 -6.31
CA ASP A 150 -19.18 6.35 -5.75
C ASP A 150 -17.75 6.10 -6.18
N GLY A 151 -17.35 4.84 -6.36
CA GLY A 151 -15.99 4.57 -6.78
C GLY A 151 -15.63 3.11 -6.62
N LEU A 152 -14.36 2.83 -6.92
CA LEU A 152 -13.82 1.48 -6.87
C LEU A 152 -12.47 1.49 -6.18
N CYS A 153 -12.15 0.38 -5.50
CA CYS A 153 -10.92 0.26 -4.73
C CYS A 153 -10.24 -1.05 -5.10
N MET A 154 -8.97 -0.96 -5.49
CA MET A 154 -8.16 -2.13 -5.82
C MET A 154 -7.04 -2.25 -4.78
N SER A 155 -7.06 -3.32 -4.00
CA SER A 155 -6.21 -3.46 -2.84
C SER A 155 -5.18 -4.57 -3.04
N THR A 156 -4.00 -4.36 -2.44
CA THR A 156 -3.00 -5.40 -2.30
C THR A 156 -3.43 -6.36 -1.18
N PRO A 157 -2.73 -7.50 -1.04
CA PRO A 157 -3.02 -8.35 0.13
C PRO A 157 -2.86 -7.64 1.47
N SER A 158 -1.71 -7.03 1.74
CA SER A 158 -1.55 -6.34 3.01
C SER A 158 -2.48 -5.14 3.12
N GLY A 159 -2.95 -4.62 1.99
CA GLY A 159 -3.94 -3.56 2.02
C GLY A 159 -5.35 -4.01 2.35
N THR A 160 -5.61 -5.32 2.38
CA THR A 160 -6.98 -5.78 2.55
C THR A 160 -7.52 -5.47 3.94
N THR A 161 -6.65 -5.22 4.91
CA THR A 161 -7.09 -4.84 6.25
C THR A 161 -7.36 -3.34 6.37
N ALA A 162 -7.26 -2.59 5.29
CA ALA A 162 -7.37 -1.13 5.32
C ALA A 162 -8.67 -0.74 4.62
N TYR A 163 -8.63 0.18 3.64
CA TYR A 163 -9.84 0.63 2.94
C TYR A 163 -10.68 -0.55 2.46
N ASN A 164 -10.03 -1.57 1.90
CA ASN A 164 -10.72 -2.76 1.42
C ASN A 164 -11.64 -3.36 2.48
N LYS A 165 -11.15 -3.44 3.72
CA LYS A 165 -11.95 -4.05 4.79
C LYS A 165 -13.21 -3.25 5.05
N SER A 166 -13.11 -1.92 5.05
CA SER A 166 -14.27 -1.08 5.31
C SER A 166 -15.30 -1.15 4.19
N LEU A 167 -14.90 -1.61 3.00
CA LEU A 167 -15.81 -1.75 1.88
C LEU A 167 -16.38 -3.16 1.77
N GLY A 168 -16.15 -4.01 2.77
CA GLY A 168 -16.66 -5.36 2.76
C GLY A 168 -15.75 -6.38 2.13
N GLY A 169 -14.52 -6.01 1.77
CA GLY A 169 -13.61 -6.94 1.14
C GLY A 169 -13.10 -8.00 2.10
N ALA A 170 -12.54 -9.05 1.51
CA ALA A 170 -11.97 -10.14 2.30
C ALA A 170 -10.54 -9.80 2.72
N LEU A 171 -10.13 -10.38 3.85
CA LEU A 171 -8.75 -10.27 4.31
C LEU A 171 -7.94 -11.40 3.70
N MET A 172 -6.88 -11.05 2.99
CA MET A 172 -6.06 -12.02 2.28
C MET A 172 -4.67 -12.08 2.89
N HIS A 173 -4.16 -13.29 3.07
CA HIS A 173 -2.81 -13.45 3.57
C HIS A 173 -1.81 -12.93 2.55
N PRO A 174 -0.78 -12.20 2.97
CA PRO A 174 0.11 -11.54 2.02
C PRO A 174 0.98 -12.50 1.21
N SER A 175 0.97 -13.80 1.50
CA SER A 175 1.68 -14.74 0.65
C SER A 175 0.95 -15.00 -0.68
N ILE A 176 -0.29 -14.56 -0.79
CA ILE A 176 -1.08 -14.75 -2.00
C ILE A 176 -0.82 -13.57 -2.93
N GLU A 177 -0.24 -13.85 -4.09
CA GLU A 177 0.06 -12.79 -5.07
C GLU A 177 -1.21 -12.49 -5.85
N ALA A 178 -1.94 -11.47 -5.41
CA ALA A 178 -3.26 -11.17 -5.96
C ALA A 178 -3.61 -9.72 -5.65
N MET A 179 -4.73 -9.29 -6.22
CA MET A 179 -5.31 -7.98 -5.95
C MET A 179 -6.82 -8.14 -5.82
N GLN A 180 -7.44 -7.25 -5.04
CA GLN A 180 -8.87 -7.37 -4.74
C GLN A 180 -9.58 -6.06 -5.07
N LEU A 181 -10.66 -6.17 -5.84
CA LEU A 181 -11.46 -5.03 -6.26
C LEU A 181 -12.76 -4.99 -5.48
N THR A 182 -13.03 -3.87 -4.81
CA THR A 182 -14.27 -3.68 -4.05
C THR A 182 -15.01 -2.45 -4.56
N GLU A 183 -16.33 -2.48 -4.43
CA GLU A 183 -17.20 -1.39 -4.86
C GLU A 183 -17.47 -0.41 -3.72
N MET A 184 -17.72 0.84 -4.10
CA MET A 184 -18.16 1.89 -3.16
C MET A 184 -19.55 2.34 -3.60
N ALA A 185 -20.58 1.87 -2.89
CA ALA A 185 -21.96 2.30 -3.09
C ALA A 185 -22.34 2.27 -4.57
N SER A 186 -22.51 1.06 -5.08
CA SER A 186 -22.95 0.88 -6.45
C SER A 186 -24.46 0.98 -6.55
N ILE A 187 -24.93 1.56 -7.65
CA ILE A 187 -26.36 1.60 -7.93
C ILE A 187 -26.76 0.28 -8.56
N ASN A 188 -27.79 -0.35 -8.00
CA ASN A 188 -28.30 -1.62 -8.53
C ASN A 188 -29.82 -1.56 -8.55
N ASN A 189 -30.38 -1.58 -9.76
CA ASN A 189 -31.83 -1.63 -9.94
C ASN A 189 -32.09 -2.46 -11.19
N ARG A 190 -33.29 -2.31 -11.77
CA ARG A 190 -33.63 -3.06 -12.96
C ARG A 190 -32.74 -2.70 -14.14
N VAL A 191 -32.31 -1.46 -14.24
CA VAL A 191 -31.54 -0.99 -15.38
C VAL A 191 -30.04 -1.10 -15.15
N TYR A 192 -29.58 -0.81 -13.93
CA TYR A 192 -28.15 -0.75 -13.63
C TYR A 192 -27.76 -1.94 -12.76
N ARG A 193 -26.61 -2.54 -13.06
CA ARG A 193 -26.24 -3.82 -12.45
C ARG A 193 -24.73 -3.93 -12.32
N THR A 194 -24.26 -4.26 -11.11
CA THR A 194 -22.87 -4.61 -10.88
C THR A 194 -22.81 -5.96 -10.17
N ILE A 195 -21.60 -6.53 -10.10
CA ILE A 195 -21.44 -7.84 -9.47
C ILE A 195 -21.66 -7.73 -7.96
N GLY A 196 -21.39 -6.57 -7.38
CA GLY A 196 -21.56 -6.38 -5.93
C GLY A 196 -20.48 -7.00 -5.07
N SER A 197 -20.14 -8.26 -5.32
CA SER A 197 -19.16 -8.95 -4.50
C SER A 197 -17.76 -8.42 -4.79
N PRO A 198 -16.85 -8.49 -3.82
CA PRO A 198 -15.44 -8.22 -4.10
C PRO A 198 -14.90 -9.25 -5.07
N LEU A 199 -13.92 -8.84 -5.88
CA LEU A 199 -13.31 -9.69 -6.88
C LEU A 199 -11.82 -9.79 -6.60
N VAL A 200 -11.30 -11.02 -6.61
CA VAL A 200 -9.89 -11.28 -6.32
C VAL A 200 -9.24 -11.83 -7.58
N PHE A 201 -8.22 -11.12 -8.06
CA PHE A 201 -7.54 -11.40 -9.32
C PHE A 201 -6.13 -11.93 -9.09
N PRO A 202 -5.71 -12.95 -9.82
CA PRO A 202 -4.34 -13.46 -9.70
C PRO A 202 -3.37 -12.58 -10.48
N LYS A 203 -2.10 -12.98 -10.45
CA LYS A 203 -1.09 -12.30 -11.25
C LYS A 203 -1.46 -12.39 -12.73
N HIS A 204 -0.97 -11.41 -13.50
CA HIS A 204 -1.07 -11.36 -14.96
C HIS A 204 -2.47 -11.03 -15.46
N HIS A 205 -3.47 -11.00 -14.57
CA HIS A 205 -4.78 -10.48 -14.95
C HIS A 205 -4.74 -8.96 -14.90
N VAL A 206 -5.35 -8.33 -15.90
CA VAL A 206 -5.35 -6.87 -16.02
C VAL A 206 -6.79 -6.39 -15.94
N VAL A 207 -7.06 -5.51 -14.97
CA VAL A 207 -8.35 -4.88 -14.81
C VAL A 207 -8.24 -3.44 -15.29
N SER A 208 -9.08 -3.08 -16.24
CA SER A 208 -9.05 -1.76 -16.87
C SER A 208 -10.32 -1.01 -16.51
N LEU A 209 -10.15 0.17 -15.93
CA LEU A 209 -11.27 1.05 -15.62
C LEU A 209 -11.31 2.16 -16.67
N GLN A 210 -12.42 2.25 -17.39
CA GLN A 210 -12.57 3.20 -18.50
C GLN A 210 -13.78 4.09 -18.25
N PRO A 211 -13.58 5.31 -17.77
CA PRO A 211 -14.72 6.19 -17.51
C PRO A 211 -15.51 6.50 -18.78
N VAL A 212 -16.82 6.59 -18.63
CA VAL A 212 -17.74 6.61 -19.76
C VAL A 212 -18.00 8.04 -20.22
N ASN A 213 -18.59 8.86 -19.36
CA ASN A 213 -18.95 10.23 -19.74
C ASN A 213 -17.94 11.24 -19.22
N ASP A 214 -18.08 11.65 -17.97
CA ASP A 214 -17.12 12.57 -17.38
C ASP A 214 -15.73 11.93 -17.34
N LYS A 215 -14.72 12.71 -17.66
CA LYS A 215 -13.35 12.21 -17.75
C LYS A 215 -12.43 12.80 -16.68
N ASP A 216 -12.98 13.45 -15.66
CA ASP A 216 -12.21 14.06 -14.60
C ASP A 216 -12.71 13.56 -13.25
N PHE A 217 -11.81 13.01 -12.46
CA PHE A 217 -12.17 12.32 -11.22
C PHE A 217 -10.92 12.24 -10.34
N GLN A 218 -11.06 11.57 -9.21
CA GLN A 218 -9.97 11.46 -8.24
C GLN A 218 -9.36 10.06 -8.30
N ILE A 219 -8.04 10.01 -8.50
CA ILE A 219 -7.28 8.77 -8.44
C ILE A 219 -6.36 8.85 -7.23
N SER A 220 -6.44 7.84 -6.36
CA SER A 220 -5.58 7.77 -5.20
C SER A 220 -4.64 6.58 -5.31
N VAL A 221 -3.45 6.73 -4.73
CA VAL A 221 -2.51 5.64 -4.54
C VAL A 221 -2.03 5.75 -3.10
N ASP A 222 -2.52 4.87 -2.24
CA ASP A 222 -2.24 4.90 -0.80
C ASP A 222 -2.75 6.21 -0.23
N HIS A 223 -1.91 7.06 0.35
CA HIS A 223 -2.36 8.26 1.05
C HIS A 223 -2.35 9.51 0.20
N LEU A 224 -2.11 9.38 -1.11
CA LEU A 224 -1.93 10.55 -1.97
C LEU A 224 -2.74 10.37 -3.25
N SER A 225 -2.73 11.41 -4.09
CA SER A 225 -3.51 11.46 -5.31
C SER A 225 -2.59 11.50 -6.52
N ILE A 226 -2.99 10.82 -7.59
CA ILE A 226 -2.26 10.85 -8.86
C ILE A 226 -2.79 12.03 -9.68
N LEU A 227 -1.92 13.00 -9.92
CA LEU A 227 -2.31 14.27 -10.56
C LEU A 227 -2.06 14.18 -12.06
N HIS A 228 -3.05 13.66 -12.78
CA HIS A 228 -3.07 13.66 -14.23
C HIS A 228 -4.51 13.84 -14.69
N ARG A 229 -4.70 14.68 -15.70
CA ARG A 229 -6.03 15.03 -16.20
C ARG A 229 -6.27 14.42 -17.57
N ASP A 230 -7.51 14.50 -18.02
CA ASP A 230 -7.96 13.91 -19.28
C ASP A 230 -7.61 12.42 -19.33
N VAL A 231 -8.10 11.70 -18.32
CA VAL A 231 -7.79 10.29 -18.15
C VAL A 231 -8.66 9.46 -19.09
N GLN A 232 -8.05 8.45 -19.72
CA GLN A 232 -8.77 7.55 -20.58
C GLN A 232 -8.80 6.12 -20.09
N GLU A 233 -7.94 5.76 -19.13
CA GLU A 233 -7.87 4.39 -18.65
C GLU A 233 -7.05 4.32 -17.37
N ILE A 234 -7.48 3.48 -16.44
CA ILE A 234 -6.70 3.12 -15.26
C ILE A 234 -6.57 1.61 -15.26
N ARG A 235 -5.35 1.11 -15.45
CA ARG A 235 -5.10 -0.33 -15.53
C ARG A 235 -4.48 -0.82 -14.23
N TYR A 236 -5.00 -1.94 -13.72
CA TYR A 236 -4.51 -2.55 -12.50
C TYR A 236 -3.97 -3.95 -12.79
N GLU A 237 -2.84 -4.27 -12.16
CA GLU A 237 -2.28 -5.60 -12.24
C GLU A 237 -1.31 -5.79 -11.09
N VAL A 238 -1.15 -7.03 -10.65
CA VAL A 238 -0.17 -7.33 -9.61
C VAL A 238 1.21 -6.97 -10.13
N SER A 239 1.93 -6.15 -9.37
CA SER A 239 3.25 -5.71 -9.79
C SER A 239 4.23 -6.87 -9.74
N ALA A 240 5.26 -6.79 -10.60
CA ALA A 240 6.40 -7.68 -10.50
C ALA A 240 7.34 -7.30 -9.36
N LYS A 241 7.19 -6.10 -8.80
CA LYS A 241 8.01 -5.64 -7.70
C LYS A 241 7.36 -5.96 -6.37
N LYS A 242 8.18 -6.08 -5.33
CA LYS A 242 7.70 -6.41 -3.99
C LYS A 242 8.38 -5.51 -2.97
N ILE A 243 7.68 -5.27 -1.87
CA ILE A 243 8.26 -4.58 -0.72
C ILE A 243 8.87 -5.62 0.21
N HIS A 244 10.06 -5.34 0.72
CA HIS A 244 10.80 -6.27 1.56
C HIS A 244 10.83 -5.76 2.99
N PHE A 245 10.44 -6.62 3.93
CA PHE A 245 10.48 -6.33 5.34
C PHE A 245 11.63 -7.08 6.00
N ALA A 246 12.33 -6.41 6.90
CA ALA A 246 13.31 -7.06 7.75
C ALA A 246 12.59 -7.58 9.00
N ARG A 247 12.56 -8.90 9.16
CA ARG A 247 11.87 -9.54 10.27
C ARG A 247 12.89 -10.16 11.21
N PHE A 248 12.66 -9.99 12.51
CA PHE A 248 13.57 -10.51 13.53
C PHE A 248 12.92 -11.53 14.45
N ARG A 249 11.61 -11.71 14.38
CA ARG A 249 10.90 -12.68 15.20
C ARG A 249 9.57 -12.99 14.51
N SER A 250 8.95 -14.08 14.95
CA SER A 250 7.69 -14.52 14.35
C SER A 250 6.55 -13.61 14.84
N PHE A 251 5.91 -12.91 13.90
CA PHE A 251 4.69 -12.16 14.16
C PHE A 251 3.75 -12.45 13.01
N PRO A 252 3.04 -13.57 13.06
CA PRO A 252 2.24 -14.00 11.90
C PRO A 252 1.16 -12.99 11.54
N PHE A 253 0.81 -12.99 10.24
CA PHE A 253 -0.19 -12.05 9.75
C PHE A 253 -1.51 -12.19 10.49
N TRP A 254 -1.96 -13.42 10.72
CA TRP A 254 -3.27 -13.61 11.34
C TRP A 254 -3.27 -13.20 12.80
N ARG A 255 -2.14 -13.36 13.50
CA ARG A 255 -2.04 -12.81 14.85
C ARG A 255 -2.04 -11.29 14.82
N ARG A 256 -1.38 -10.70 13.82
CA ARG A 256 -1.43 -9.26 13.63
C ARG A 256 -2.86 -8.79 13.36
N VAL A 257 -3.60 -9.56 12.57
CA VAL A 257 -5.02 -9.26 12.35
C VAL A 257 -5.80 -9.39 13.65
N HIS A 258 -5.58 -10.49 14.39
CA HIS A 258 -6.26 -10.68 15.66
C HIS A 258 -5.96 -9.53 16.62
N ASP A 259 -4.69 -9.14 16.71
CA ASP A 259 -4.32 -8.10 17.66
C ASP A 259 -4.93 -6.74 17.30
N SER A 260 -5.15 -6.49 16.02
CA SER A 260 -5.62 -5.18 15.59
C SER A 260 -7.14 -5.07 15.50
N PHE A 261 -7.87 -6.17 15.40
CA PHE A 261 -9.31 -6.09 15.20
C PHE A 261 -10.11 -6.86 16.25
N ILE A 262 -9.52 -7.90 16.83
CA ILE A 262 -10.25 -8.74 17.78
C ILE A 262 -10.03 -8.21 19.19
N GLU A 263 -8.79 -8.29 19.66
CA GLU A 263 -8.43 -7.80 20.99
C GLU A 263 -6.92 -7.89 21.19
N ASP A 264 -6.34 -6.92 21.88
CA ASP A 264 -4.91 -6.94 22.16
C ASP A 264 -4.66 -6.53 23.62
C1 CIT B . 3.09 -15.25 8.19
O1 CIT B . 2.05 -14.60 8.42
O2 CIT B . 3.12 -16.45 8.51
C2 CIT B . 4.31 -14.61 7.55
C3 CIT B . 4.73 -13.33 8.26
O7 CIT B . 4.67 -13.53 9.69
C4 CIT B . 6.14 -12.92 7.87
C5 CIT B . 7.13 -13.74 8.66
O3 CIT B . 7.89 -14.55 8.08
O4 CIT B . 7.20 -13.62 9.90
C6 CIT B . 3.77 -12.20 7.89
O5 CIT B . 3.61 -11.87 6.70
O6 CIT B . 3.12 -11.59 8.78
N1 ULU C . -12.04 3.41 5.55
C7 ULU C . -4.12 6.23 4.37
C8 ULU C . -3.57 8.00 5.95
N2 ULU C . -9.68 2.95 5.51
C9 ULU C . -4.67 8.89 5.41
O1 ULU C . -6.93 10.41 8.03
C1 ULU C . -10.94 2.69 5.84
O5 ULU C . -3.54 2.75 11.05
C5 ULU C . -7.08 4.12 4.37
C6 ULU C . -4.94 4.95 4.24
N3 ULU C . -8.44 4.64 4.28
C4 ULU C . -10.62 4.92 4.44
O4 ULU C . -5.98 3.62 11.74
C3 ULU C . -8.85 5.79 3.65
O3 ULU C . -5.50 5.71 7.97
C2 ULU C . -9.58 4.09 4.80
N4 ULU C . -10.14 6.00 3.71
N ULU C . -13.01 5.25 4.56
C ULU C . -11.91 4.54 4.84
O ULU C . -6.22 5.13 4.86
C10 ULU C . -6.04 8.66 6.03
C11 ULU C . -6.42 9.34 8.35
C12 ULU C . -6.26 8.95 9.81
C13 ULU C . -7.50 9.29 10.63
C14 ULU C . -2.66 5.80 6.32
C15 ULU C . -2.98 4.44 6.75
C16 ULU C . -3.22 3.30 7.02
C17 ULU C . -3.46 1.92 7.26
C18 ULU C . -3.49 -0.21 7.09
C19 ULU C . -3.37 -1.57 6.74
C20 ULU C . -4.82 -2.03 8.49
C21 ULU C . -4.31 0.09 8.16
C22 ULU C . -5.05 2.26 9.23
C23 ULU C . -6.52 4.04 9.41
C24 ULU C . -6.71 5.28 8.57
C25 ULU C . -5.47 4.17 10.53
C26 ULU C . -4.30 3.34 10.00
C27 ULU C . -5.28 4.53 2.82
C28 ULU C . -6.51 3.63 3.03
N10 ULU C . -2.95 0.94 6.54
N11 ULU C . -2.64 -2.01 5.72
N12 ULU C . -4.07 -2.47 7.47
N13 ULU C . -5.00 -0.77 8.91
N14 ULU C . -4.29 1.47 8.27
N5 ULU C . -3.78 6.56 5.77
N6 ULU C . -5.96 8.46 7.47
N7 ULU C . -8.65 8.50 10.13
N8 ULU C . -9.74 9.07 9.90
N9 ULU C . -10.62 9.77 9.74
O2 ULU C . -6.09 2.95 8.56
O6 ULU C . -4.20 3.80 2.24
O7 ULU C . -6.15 2.26 3.10
#